data_6ME3
#
_entry.id   6ME3
#
_cell.length_a   122.400
_cell.length_b   122.400
_cell.length_c   122.900
_cell.angle_alpha   90.00
_cell.angle_beta   90.00
_cell.angle_gamma   90.00
#
_symmetry.space_group_name_H-M   'P 4 21 2'
#
loop_
_entity.id
_entity.type
_entity.pdbx_description
1 polymer 'chimera protein of Melatonin receptor type 1A and GlgA glycogen synthase'
2 non-polymer N-[2-(5-methoxy-2-phenyl-1H-indol-3-yl)ethyl]acetamide
3 non-polymer 'OLEIC ACID'
4 non-polymer DI(HYDROXYETHYL)ETHER
5 water water
#
_entity_poly.entity_id   1
_entity_poly.type   'polypeptide(L)'
_entity_poly.pdbx_seq_one_letter_code
;GTSQPVLRGDGARPSWLASALACVLIFTIVVDILGNLLVILSVYRNKKLRNAGNIFVVSLAVANLVVAIYPYPLVLMSIF
NNGWNFGYLHCQVSAFLMGLSVIGSIWNITGIAIDRYLYICHSLKYDKLYSSKNSLCYVLLIWLLTLAAVLPNLRAGTLQ
YDPRIYSCTFAQSVSSAYTIAVVVFHFLVPMIIVIFCYLRIWILVLQVRGID(YCM)SFWNESYLTGSRDERKKSLLSKF
GMDEGVTFMFIGRFDRGQKGVDVLLKAIEILSSKKEFQEMRFIIIGKGDPELEGWARSLEEKHGNVKVITEMLSREFVRE
LYGSVDFVIIPSYFEPFGLVALEAMCLGAIPIASAVGGLRDIITNETGILVKAGDPGELANAILKALELSRSDLSKFREN
CKKRAMSFSKLKPQDFRNFVTMFVVFVLFAICFAPLNFIGLAVASDPASMVPRIPEWLFVASYYMAYFNSCLNPIIYGLL
DQNFRKEYRRIIVSLCTARVFFVDSSN
;
_entity_poly.pdbx_strand_id   A
#
# COMPACT_ATOMS: atom_id res chain seq x y z
N PRO A 14 -34.75 -22.23 14.95
CA PRO A 14 -35.95 -21.42 15.27
C PRO A 14 -36.62 -20.83 14.03
N SER A 15 -37.95 -20.60 14.11
CA SER A 15 -38.79 -20.05 13.03
C SER A 15 -38.31 -18.67 12.55
N TRP A 16 -37.94 -17.79 13.51
CA TRP A 16 -37.45 -16.45 13.22
C TRP A 16 -36.10 -16.49 12.51
N LEU A 17 -35.22 -17.45 12.86
CA LEU A 17 -33.89 -17.61 12.26
C LEU A 17 -33.99 -17.85 10.74
N ALA A 18 -35.01 -18.61 10.30
CA ALA A 18 -35.24 -18.90 8.89
C ALA A 18 -35.70 -17.64 8.14
N SER A 19 -36.73 -16.93 8.65
CA SER A 19 -37.28 -15.73 8.03
C SER A 19 -36.31 -14.54 8.13
N ALA A 20 -35.40 -14.53 9.13
CA ALA A 20 -34.38 -13.48 9.28
C ALA A 20 -33.40 -13.51 8.11
N LEU A 21 -32.93 -14.72 7.73
CA LEU A 21 -32.01 -14.97 6.62
C LEU A 21 -32.61 -14.47 5.29
N ALA A 22 -33.92 -14.77 5.07
CA ALA A 22 -34.68 -14.35 3.88
C ALA A 22 -34.68 -12.80 3.71
N CYS A 23 -34.77 -12.03 4.82
CA CYS A 23 -34.75 -10.55 4.81
C CYS A 23 -33.43 -10.06 4.28
N VAL A 24 -32.32 -10.61 4.84
CA VAL A 24 -30.92 -10.30 4.50
C VAL A 24 -30.72 -10.47 2.99
N LEU A 25 -31.18 -11.61 2.43
CA LEU A 25 -31.04 -11.88 1.00
C LEU A 25 -31.89 -10.94 0.18
N ILE A 26 -33.17 -10.70 0.58
CA ILE A 26 -34.09 -9.78 -0.10
C ILE A 26 -33.41 -8.39 -0.16
N PHE A 27 -32.91 -7.89 0.98
CA PHE A 27 -32.22 -6.61 1.08
C PHE A 27 -31.04 -6.59 0.12
N THR A 28 -30.15 -7.62 0.20
CA THR A 28 -28.95 -7.78 -0.61
C THR A 28 -29.30 -7.72 -2.09
N ILE A 29 -30.29 -8.52 -2.54
CA ILE A 29 -30.78 -8.57 -3.92
C ILE A 29 -31.18 -7.14 -4.40
N VAL A 30 -32.19 -6.53 -3.75
CA VAL A 30 -32.76 -5.23 -4.11
C VAL A 30 -31.65 -4.15 -4.16
N VAL A 31 -30.86 -4.00 -3.07
CA VAL A 31 -29.78 -3.00 -3.01
C VAL A 31 -28.75 -3.26 -4.11
N ASP A 32 -28.37 -4.55 -4.33
CA ASP A 32 -27.39 -4.93 -5.36
C ASP A 32 -27.84 -4.48 -6.75
N ILE A 33 -29.05 -4.88 -7.19
CA ILE A 33 -29.55 -4.55 -8.54
C ILE A 33 -29.61 -3.03 -8.75
N LEU A 34 -30.39 -2.31 -7.91
CA LEU A 34 -30.56 -0.85 -8.03
C LEU A 34 -29.21 -0.12 -7.88
N GLY A 35 -28.52 -0.36 -6.76
CA GLY A 35 -27.24 0.23 -6.43
C GLY A 35 -26.14 0.05 -7.47
N ASN A 36 -25.91 -1.21 -7.92
CA ASN A 36 -24.87 -1.48 -8.92
C ASN A 36 -25.29 -1.03 -10.32
N LEU A 37 -26.58 -0.79 -10.56
CA LEU A 37 -26.99 -0.22 -11.84
C LEU A 37 -26.58 1.26 -11.82
N LEU A 38 -26.76 1.91 -10.64
CA LEU A 38 -26.40 3.31 -10.40
C LEU A 38 -24.88 3.50 -10.56
N VAL A 39 -24.06 2.55 -10.05
CA VAL A 39 -22.59 2.57 -10.14
C VAL A 39 -22.17 2.54 -11.63
N ILE A 40 -22.72 1.60 -12.42
CA ILE A 40 -22.40 1.47 -13.85
C ILE A 40 -22.89 2.70 -14.61
N LEU A 41 -24.08 3.23 -14.28
CA LEU A 41 -24.62 4.44 -14.93
C LEU A 41 -23.74 5.67 -14.64
N SER A 42 -23.48 5.95 -13.34
CA SER A 42 -22.69 7.07 -12.83
C SER A 42 -21.33 7.18 -13.48
N VAL A 43 -20.62 6.04 -13.67
CA VAL A 43 -19.28 6.04 -14.26
C VAL A 43 -19.34 6.54 -15.73
N TYR A 44 -20.35 6.10 -16.51
N TYR A 44 -20.35 6.09 -16.51
CA TYR A 44 -20.50 6.50 -17.91
CA TYR A 44 -20.51 6.52 -17.90
C TYR A 44 -21.24 7.85 -18.06
C TYR A 44 -21.00 7.98 -17.97
N ARG A 45 -21.81 8.39 -16.96
N ARG A 45 -21.91 8.36 -17.06
CA ARG A 45 -22.54 9.65 -16.95
CA ARG A 45 -22.53 9.68 -16.99
C ARG A 45 -21.65 10.83 -16.52
C ARG A 45 -21.56 10.80 -16.56
N ASN A 46 -20.93 10.67 -15.38
CA ASN A 46 -20.01 11.66 -14.81
C ASN A 46 -18.68 11.70 -15.55
N LYS A 47 -18.26 12.91 -15.95
CA LYS A 47 -17.00 13.18 -16.66
C LYS A 47 -15.78 12.88 -15.75
N LYS A 48 -15.87 13.27 -14.46
CA LYS A 48 -14.82 13.03 -13.46
C LYS A 48 -14.69 11.53 -13.14
N LEU A 49 -15.81 10.77 -13.16
CA LEU A 49 -15.80 9.34 -12.88
C LEU A 49 -15.56 8.52 -14.15
N ARG A 50 -15.49 9.18 -15.33
CA ARG A 50 -15.33 8.50 -16.63
C ARG A 50 -13.88 8.04 -16.94
N ASN A 51 -12.95 8.11 -15.97
CA ASN A 51 -11.57 7.65 -16.17
C ASN A 51 -11.53 6.13 -16.39
N ALA A 52 -10.55 5.64 -17.20
CA ALA A 52 -10.36 4.23 -17.52
C ALA A 52 -9.89 3.41 -16.30
N GLY A 53 -9.39 4.07 -15.27
CA GLY A 53 -8.98 3.43 -14.02
C GLY A 53 -10.18 2.91 -13.25
N ASN A 54 -11.40 3.34 -13.65
CA ASN A 54 -12.66 2.94 -13.05
C ASN A 54 -13.33 1.80 -13.83
N ILE A 55 -12.65 1.25 -14.87
CA ILE A 55 -13.14 0.08 -15.63
C ILE A 55 -13.20 -1.09 -14.63
N PHE A 56 -12.22 -1.11 -13.67
CA PHE A 56 -12.13 -2.09 -12.59
C PHE A 56 -13.35 -2.03 -11.67
N VAL A 57 -13.93 -0.82 -11.49
CA VAL A 57 -15.11 -0.60 -10.64
C VAL A 57 -16.38 -1.15 -11.36
N VAL A 58 -16.44 -0.99 -12.70
CA VAL A 58 -17.56 -1.44 -13.53
C VAL A 58 -17.61 -2.96 -13.59
N SER A 59 -16.44 -3.65 -13.77
CA SER A 59 -16.42 -5.13 -13.82
C SER A 59 -16.79 -5.71 -12.45
N LEU A 60 -16.38 -5.02 -11.35
CA LEU A 60 -16.71 -5.37 -9.97
C LEU A 60 -18.24 -5.24 -9.73
N ALA A 61 -18.89 -4.23 -10.35
CA ALA A 61 -20.34 -4.04 -10.25
C ALA A 61 -21.08 -5.11 -11.07
N VAL A 62 -20.48 -5.53 -12.20
CA VAL A 62 -21.01 -6.59 -13.05
C VAL A 62 -20.92 -7.92 -12.26
N ALA A 63 -19.78 -8.15 -11.57
CA ALA A 63 -19.54 -9.33 -10.74
C ALA A 63 -20.58 -9.40 -9.63
N ASN A 64 -20.80 -8.27 -8.94
CA ASN A 64 -21.79 -8.18 -7.85
C ASN A 64 -23.20 -8.42 -8.38
N LEU A 65 -23.54 -7.88 -9.55
CA LEU A 65 -24.89 -8.01 -10.12
C LEU A 65 -25.31 -9.44 -10.43
N VAL A 66 -24.42 -10.23 -11.08
CA VAL A 66 -24.60 -11.62 -11.50
C VAL A 66 -25.32 -12.47 -10.41
N VAL A 67 -24.77 -12.54 -9.17
CA VAL A 67 -25.35 -13.33 -8.06
C VAL A 67 -26.81 -12.96 -7.70
N ALA A 68 -27.25 -11.70 -7.92
CA ALA A 68 -28.60 -11.24 -7.56
C ALA A 68 -29.69 -11.58 -8.60
N ILE A 69 -29.34 -11.85 -9.87
CA ILE A 69 -30.34 -12.12 -10.90
C ILE A 69 -30.78 -13.60 -10.92
N TYR A 70 -29.84 -14.54 -10.77
CA TYR A 70 -30.16 -15.96 -10.85
C TYR A 70 -29.78 -16.74 -9.57
N PRO A 71 -28.52 -16.73 -9.03
CA PRO A 71 -28.22 -17.59 -7.85
C PRO A 71 -28.95 -17.23 -6.55
N TYR A 72 -28.85 -15.97 -6.06
CA TYR A 72 -29.46 -15.55 -4.80
C TYR A 72 -30.98 -15.78 -4.74
N PRO A 73 -31.80 -15.46 -5.79
CA PRO A 73 -33.25 -15.73 -5.68
C PRO A 73 -33.61 -17.21 -5.52
N LEU A 74 -32.77 -18.13 -6.05
CA LEU A 74 -33.01 -19.56 -5.89
C LEU A 74 -32.75 -19.97 -4.42
N VAL A 75 -31.74 -19.36 -3.77
CA VAL A 75 -31.39 -19.60 -2.35
C VAL A 75 -32.55 -19.10 -1.48
N LEU A 76 -33.13 -17.93 -1.82
CA LEU A 76 -34.27 -17.32 -1.14
C LEU A 76 -35.49 -18.25 -1.21
N MET A 77 -35.75 -18.82 -2.40
CA MET A 77 -36.86 -19.77 -2.58
C MET A 77 -36.62 -21.06 -1.79
N SER A 78 -35.35 -21.53 -1.75
CA SER A 78 -34.89 -22.72 -1.04
C SER A 78 -35.07 -22.60 0.48
N ILE A 79 -35.00 -21.36 1.06
CA ILE A 79 -35.26 -21.15 2.51
C ILE A 79 -36.72 -21.55 2.80
N PHE A 80 -37.65 -21.00 2.00
CA PHE A 80 -39.08 -21.24 2.11
C PHE A 80 -39.45 -22.71 1.83
N ASN A 81 -38.71 -23.40 0.94
CA ASN A 81 -38.95 -24.82 0.63
C ASN A 81 -38.26 -25.74 1.64
N ASN A 82 -37.29 -25.20 2.42
CA ASN A 82 -36.43 -25.92 3.36
C ASN A 82 -35.82 -27.17 2.63
N GLY A 83 -35.31 -26.92 1.42
CA GLY A 83 -34.72 -27.93 0.56
C GLY A 83 -34.56 -27.49 -0.88
N TRP A 84 -33.74 -28.24 -1.63
CA TRP A 84 -33.47 -27.99 -3.04
C TRP A 84 -34.56 -28.64 -3.91
N ASN A 85 -35.44 -27.78 -4.48
CA ASN A 85 -36.59 -28.20 -5.31
C ASN A 85 -36.32 -27.98 -6.82
N PHE A 86 -35.09 -27.55 -7.17
CA PHE A 86 -34.68 -27.32 -8.54
C PHE A 86 -33.78 -28.49 -8.98
N GLY A 87 -33.37 -28.52 -10.24
CA GLY A 87 -32.57 -29.64 -10.75
C GLY A 87 -31.15 -29.71 -10.22
N TYR A 88 -30.40 -30.75 -10.63
CA TYR A 88 -28.99 -30.83 -10.27
C TYR A 88 -28.20 -29.79 -11.09
N LEU A 89 -28.67 -29.52 -12.34
CA LEU A 89 -28.09 -28.57 -13.30
C LEU A 89 -28.18 -27.15 -12.76
N HIS A 90 -29.34 -26.77 -12.18
CA HIS A 90 -29.56 -25.49 -11.52
C HIS A 90 -28.66 -25.40 -10.31
N CYS A 91 -28.48 -26.52 -9.57
CA CYS A 91 -27.59 -26.61 -8.42
C CYS A 91 -26.15 -26.43 -8.87
N GLN A 92 -25.77 -26.93 -10.07
CA GLN A 92 -24.40 -26.79 -10.59
C GLN A 92 -24.12 -25.38 -11.11
N VAL A 93 -24.98 -24.86 -12.02
CA VAL A 93 -24.86 -23.54 -12.65
C VAL A 93 -24.94 -22.41 -11.59
N SER A 94 -25.93 -22.50 -10.65
CA SER A 94 -26.08 -21.48 -9.62
C SER A 94 -24.87 -21.45 -8.68
N ALA A 95 -24.28 -22.63 -8.37
CA ALA A 95 -23.08 -22.74 -7.54
C ALA A 95 -21.85 -22.15 -8.27
N PHE A 96 -21.73 -22.45 -9.60
CA PHE A 96 -20.65 -21.99 -10.48
C PHE A 96 -20.60 -20.46 -10.60
N LEU A 97 -21.75 -19.80 -10.90
CA LEU A 97 -21.83 -18.35 -11.05
C LEU A 97 -21.53 -17.63 -9.75
N MET A 98 -21.83 -18.25 -8.58
CA MET A 98 -21.48 -17.71 -7.27
C MET A 98 -19.95 -17.74 -7.07
N GLY A 99 -19.31 -18.73 -7.71
CA GLY A 99 -17.86 -18.85 -7.72
C GLY A 99 -17.23 -17.77 -8.57
N LEU A 100 -17.69 -17.65 -9.83
CA LEU A 100 -17.23 -16.64 -10.79
C LEU A 100 -17.29 -15.25 -10.18
N SER A 101 -18.42 -14.91 -9.52
CA SER A 101 -18.67 -13.63 -8.88
C SER A 101 -17.67 -13.32 -7.75
N VAL A 102 -17.67 -14.11 -6.67
CA VAL A 102 -16.85 -13.94 -5.48
C VAL A 102 -15.32 -14.01 -5.78
N ILE A 103 -14.87 -14.84 -6.74
CA ILE A 103 -13.43 -14.95 -7.06
C ILE A 103 -13.04 -13.76 -7.98
N GLY A 104 -13.95 -13.40 -8.89
CA GLY A 104 -13.77 -12.26 -9.79
C GLY A 104 -13.66 -10.95 -9.04
N SER A 105 -14.50 -10.78 -8.00
CA SER A 105 -14.54 -9.57 -7.20
C SER A 105 -13.27 -9.36 -6.33
N ILE A 106 -12.68 -10.43 -5.73
CA ILE A 106 -11.44 -10.28 -4.94
C ILE A 106 -10.27 -9.87 -5.87
N TRP A 107 -10.19 -10.45 -7.09
CA TRP A 107 -9.12 -10.14 -8.03
C TRP A 107 -9.32 -8.73 -8.63
N ASN A 108 -10.58 -8.32 -8.87
CA ASN A 108 -10.88 -6.98 -9.35
C ASN A 108 -10.48 -5.95 -8.30
N ILE A 109 -10.66 -6.29 -7.00
CA ILE A 109 -10.26 -5.45 -5.86
C ILE A 109 -8.71 -5.33 -5.84
N THR A 110 -7.98 -6.41 -6.23
CA THR A 110 -6.52 -6.43 -6.33
C THR A 110 -6.08 -5.50 -7.48
N GLY A 111 -6.83 -5.54 -8.60
CA GLY A 111 -6.59 -4.72 -9.78
C GLY A 111 -6.62 -3.23 -9.46
N ILE A 112 -7.62 -2.81 -8.65
CA ILE A 112 -7.77 -1.42 -8.20
C ILE A 112 -6.57 -1.07 -7.32
N ALA A 113 -6.26 -1.91 -6.32
CA ALA A 113 -5.12 -1.71 -5.41
C ALA A 113 -3.79 -1.47 -6.15
N ILE A 114 -3.53 -2.19 -7.28
CA ILE A 114 -2.28 -1.99 -8.04
C ILE A 114 -2.39 -0.68 -8.86
N ASP A 115 -3.54 -0.47 -9.55
CA ASP A 115 -3.83 0.72 -10.35
C ASP A 115 -3.56 2.00 -9.56
N ARG A 116 -4.08 2.08 -8.32
CA ARG A 116 -3.94 3.26 -7.45
C ARG A 116 -2.49 3.47 -7.00
N TYR A 117 -1.77 2.37 -6.66
CA TYR A 117 -0.36 2.46 -6.25
C TYR A 117 0.52 2.94 -7.45
N LEU A 118 0.20 2.49 -8.68
CA LEU A 118 0.89 2.91 -9.88
C LEU A 118 0.58 4.38 -10.24
N TYR A 119 -0.62 4.86 -9.86
CA TYR A 119 -1.10 6.23 -10.11
C TYR A 119 -0.30 7.24 -9.26
N ILE A 120 -0.06 6.94 -7.95
CA ILE A 120 0.69 7.79 -7.03
C ILE A 120 2.14 7.86 -7.48
N CYS A 121 2.69 6.72 -7.92
CA CYS A 121 4.08 6.66 -8.38
C CYS A 121 4.28 7.50 -9.65
N HIS A 122 3.29 7.41 -10.60
CA HIS A 122 3.31 8.16 -11.87
C HIS A 122 3.24 9.66 -11.62
N SER A 123 2.31 10.12 -10.74
CA SER A 123 2.14 11.52 -10.40
C SER A 123 3.39 12.10 -9.69
N LEU A 124 4.20 11.23 -9.05
CA LEU A 124 5.45 11.65 -8.42
C LEU A 124 6.52 11.87 -9.49
N LYS A 125 6.63 10.97 -10.48
CA LYS A 125 7.66 11.06 -11.52
C LYS A 125 7.30 11.95 -12.74
N TYR A 126 6.02 12.21 -13.02
CA TYR A 126 5.65 12.96 -14.24
C TYR A 126 4.60 14.02 -13.97
N ASP A 127 4.54 15.03 -14.86
CA ASP A 127 3.57 16.14 -14.78
C ASP A 127 2.26 15.76 -15.48
N LYS A 128 2.31 14.75 -16.37
CA LYS A 128 1.15 14.21 -17.10
C LYS A 128 0.33 13.30 -16.17
N LEU A 129 -1.00 13.27 -16.34
CA LEU A 129 -1.89 12.43 -15.50
C LEU A 129 -1.80 10.97 -15.89
N TYR A 130 -1.79 10.06 -14.89
CA TYR A 130 -1.73 8.62 -15.14
C TYR A 130 -2.97 8.17 -15.88
N SER A 131 -2.76 7.57 -17.05
CA SER A 131 -3.80 7.04 -17.92
C SER A 131 -3.69 5.52 -17.94
N SER A 132 -4.65 4.84 -17.27
CA SER A 132 -4.73 3.38 -17.21
C SER A 132 -5.19 2.86 -18.58
N LYS A 133 -4.27 2.88 -19.57
CA LYS A 133 -4.53 2.53 -20.96
C LYS A 133 -4.84 1.03 -21.17
N ASN A 134 -4.10 0.13 -20.50
CA ASN A 134 -4.27 -1.33 -20.65
C ASN A 134 -5.24 -1.93 -19.60
N SER A 135 -5.99 -1.08 -18.85
CA SER A 135 -6.93 -1.47 -17.78
C SER A 135 -8.02 -2.45 -18.27
N LEU A 136 -8.60 -2.22 -19.47
CA LEU A 136 -9.63 -3.09 -20.03
C LEU A 136 -9.04 -4.45 -20.43
N CYS A 137 -7.78 -4.47 -20.87
CA CYS A 137 -7.05 -5.66 -21.26
C CYS A 137 -6.72 -6.52 -20.04
N TYR A 138 -6.48 -5.88 -18.88
CA TYR A 138 -6.18 -6.60 -17.63
C TYR A 138 -7.44 -7.24 -17.02
N VAL A 139 -8.61 -6.57 -17.19
CA VAL A 139 -9.91 -7.06 -16.71
C VAL A 139 -10.25 -8.37 -17.47
N LEU A 140 -9.89 -8.45 -18.77
CA LEU A 140 -10.09 -9.66 -19.58
C LEU A 140 -9.21 -10.82 -19.08
N LEU A 141 -8.04 -10.51 -18.48
CA LEU A 141 -7.15 -11.53 -17.91
C LEU A 141 -7.68 -12.03 -16.58
N ILE A 142 -8.27 -11.12 -15.76
CA ILE A 142 -8.88 -11.43 -14.46
C ILE A 142 -10.02 -12.44 -14.64
N TRP A 143 -10.91 -12.21 -15.63
CA TRP A 143 -12.04 -13.12 -15.92
C TRP A 143 -11.56 -14.42 -16.58
N LEU A 144 -10.36 -14.43 -17.17
CA LEU A 144 -9.79 -15.64 -17.73
C LEU A 144 -9.15 -16.45 -16.60
N LEU A 145 -8.60 -15.74 -15.59
CA LEU A 145 -7.96 -16.30 -14.38
C LEU A 145 -9.03 -16.89 -13.45
N THR A 146 -10.17 -16.19 -13.26
CA THR A 146 -11.21 -16.68 -12.34
C THR A 146 -11.98 -17.85 -12.97
N LEU A 147 -12.26 -17.79 -14.30
CA LEU A 147 -12.95 -18.87 -15.04
C LEU A 147 -12.07 -20.15 -15.02
N ALA A 148 -10.73 -20.00 -15.02
CA ALA A 148 -9.77 -21.11 -14.96
C ALA A 148 -9.76 -21.76 -13.56
N ALA A 149 -10.10 -20.96 -12.52
CA ALA A 149 -10.12 -21.39 -11.12
C ALA A 149 -11.44 -22.05 -10.71
N VAL A 150 -12.58 -21.56 -11.22
CA VAL A 150 -13.92 -22.08 -10.88
C VAL A 150 -14.27 -23.33 -11.73
N LEU A 151 -14.00 -23.30 -13.06
CA LEU A 151 -14.31 -24.40 -13.99
C LEU A 151 -13.88 -25.82 -13.54
N PRO A 152 -12.70 -26.10 -12.90
CA PRO A 152 -12.37 -27.49 -12.54
C PRO A 152 -13.32 -28.13 -11.53
N ASN A 153 -14.10 -27.31 -10.80
CA ASN A 153 -15.04 -27.73 -9.77
C ASN A 153 -16.25 -28.49 -10.31
N LEU A 154 -16.57 -28.36 -11.60
CA LEU A 154 -17.71 -29.05 -12.19
C LEU A 154 -17.45 -30.56 -12.34
N ARG A 155 -16.22 -30.94 -12.76
CA ARG A 155 -15.79 -32.33 -12.97
C ARG A 155 -15.33 -32.97 -11.66
N ALA A 156 -14.74 -32.16 -10.75
CA ALA A 156 -14.29 -32.61 -9.43
C ALA A 156 -15.48 -33.07 -8.57
N GLY A 157 -16.62 -32.39 -8.73
CA GLY A 157 -17.84 -32.67 -8.00
C GLY A 157 -17.72 -32.16 -6.59
N THR A 158 -17.22 -30.95 -6.47
CA THR A 158 -16.99 -30.30 -5.19
C THR A 158 -18.09 -29.25 -4.96
N LEU A 159 -19.09 -29.22 -5.86
CA LEU A 159 -20.25 -28.32 -5.76
C LEU A 159 -21.45 -29.13 -5.36
N GLN A 160 -22.08 -28.80 -4.22
CA GLN A 160 -23.26 -29.52 -3.73
C GLN A 160 -24.16 -28.65 -2.85
N TYR A 161 -25.35 -29.17 -2.50
CA TYR A 161 -26.31 -28.46 -1.66
C TYR A 161 -26.00 -28.65 -0.17
N ASP A 162 -26.02 -27.56 0.59
CA ASP A 162 -25.82 -27.56 2.04
C ASP A 162 -27.14 -27.16 2.70
N PRO A 163 -27.80 -28.11 3.39
CA PRO A 163 -29.10 -27.82 4.02
C PRO A 163 -29.07 -26.69 5.04
N ARG A 164 -27.96 -26.59 5.80
CA ARG A 164 -27.73 -25.59 6.85
C ARG A 164 -27.87 -24.14 6.33
N ILE A 165 -27.40 -23.87 5.10
CA ILE A 165 -27.42 -22.51 4.52
C ILE A 165 -28.41 -22.36 3.31
N TYR A 166 -29.28 -23.38 3.07
CA TYR A 166 -30.32 -23.44 2.03
C TYR A 166 -29.79 -23.11 0.62
N SER A 167 -28.57 -23.57 0.27
CA SER A 167 -27.98 -23.25 -1.04
C SER A 167 -27.03 -24.30 -1.58
N CYS A 168 -26.69 -24.15 -2.88
CA CYS A 168 -25.72 -24.96 -3.62
C CYS A 168 -24.42 -24.15 -3.72
N THR A 169 -23.35 -24.60 -3.05
CA THR A 169 -22.07 -23.88 -3.02
C THR A 169 -20.86 -24.85 -3.06
N PHE A 170 -19.63 -24.28 -2.90
CA PHE A 170 -18.39 -25.04 -2.86
C PHE A 170 -18.26 -25.74 -1.51
N ALA A 171 -18.36 -27.07 -1.50
CA ALA A 171 -18.23 -27.83 -0.27
C ALA A 171 -16.74 -27.96 0.12
N GLN A 172 -16.41 -27.44 1.31
CA GLN A 172 -15.04 -27.43 1.86
C GLN A 172 -14.60 -28.78 2.39
N SER A 173 -15.48 -29.79 2.36
CA SER A 173 -15.16 -31.10 2.90
C SER A 173 -14.99 -32.17 1.82
N VAL A 174 -15.40 -31.90 0.54
CA VAL A 174 -15.29 -32.81 -0.61
C VAL A 174 -13.81 -33.24 -0.82
N SER A 175 -12.87 -32.28 -0.83
CA SER A 175 -11.43 -32.55 -0.94
C SER A 175 -10.70 -31.36 -0.35
N SER A 176 -9.90 -31.58 0.71
CA SER A 176 -9.18 -30.53 1.42
C SER A 176 -8.16 -29.80 0.54
N ALA A 177 -7.53 -30.52 -0.43
CA ALA A 177 -6.55 -29.99 -1.37
C ALA A 177 -7.12 -28.82 -2.16
N TYR A 178 -8.36 -28.96 -2.67
CA TYR A 178 -9.05 -27.89 -3.41
C TYR A 178 -9.34 -26.69 -2.52
N THR A 179 -9.87 -26.93 -1.29
CA THR A 179 -10.25 -25.84 -0.37
C THR A 179 -9.00 -25.10 0.17
N ILE A 180 -7.88 -25.82 0.48
CA ILE A 180 -6.62 -25.21 0.94
C ILE A 180 -6.14 -24.23 -0.15
N ALA A 181 -6.03 -24.72 -1.40
CA ALA A 181 -5.61 -23.96 -2.58
C ALA A 181 -6.50 -22.72 -2.83
N VAL A 182 -7.83 -22.85 -2.61
CA VAL A 182 -8.77 -21.74 -2.80
C VAL A 182 -8.46 -20.66 -1.73
N VAL A 183 -8.33 -21.07 -0.44
CA VAL A 183 -8.01 -20.17 0.67
C VAL A 183 -6.64 -19.50 0.45
N VAL A 184 -5.63 -20.25 -0.02
CA VAL A 184 -4.28 -19.74 -0.23
C VAL A 184 -4.22 -18.78 -1.45
N PHE A 185 -4.53 -19.28 -2.66
CA PHE A 185 -4.42 -18.49 -3.90
C PHE A 185 -5.52 -17.45 -4.14
N HIS A 186 -6.73 -17.61 -3.61
CA HIS A 186 -7.76 -16.64 -3.93
C HIS A 186 -8.20 -15.81 -2.72
N PHE A 187 -7.49 -15.91 -1.59
CA PHE A 187 -7.78 -15.05 -0.45
C PHE A 187 -6.49 -14.50 0.14
N LEU A 188 -5.62 -15.37 0.68
CA LEU A 188 -4.34 -15.00 1.31
C LEU A 188 -3.39 -14.26 0.35
N VAL A 189 -3.17 -14.78 -0.87
CA VAL A 189 -2.29 -14.16 -1.88
C VAL A 189 -2.85 -12.75 -2.23
N PRO A 190 -4.14 -12.58 -2.66
CA PRO A 190 -4.63 -11.21 -2.93
C PRO A 190 -4.52 -10.28 -1.69
N MET A 191 -4.85 -10.79 -0.46
CA MET A 191 -4.77 -10.04 0.81
C MET A 191 -3.40 -9.39 0.98
N ILE A 192 -2.32 -10.22 0.90
CA ILE A 192 -0.92 -9.78 0.99
C ILE A 192 -0.63 -8.70 -0.08
N ILE A 193 -1.03 -8.94 -1.35
CA ILE A 193 -0.79 -7.98 -2.44
C ILE A 193 -1.52 -6.63 -2.16
N VAL A 194 -2.80 -6.67 -1.76
CA VAL A 194 -3.58 -5.46 -1.49
C VAL A 194 -3.03 -4.73 -0.23
N ILE A 195 -2.75 -5.46 0.88
CA ILE A 195 -2.19 -4.87 2.11
C ILE A 195 -0.86 -4.16 1.78
N PHE A 196 -0.05 -4.74 0.88
CA PHE A 196 1.21 -4.15 0.46
C PHE A 196 0.99 -2.85 -0.33
N CYS A 197 0.07 -2.86 -1.31
CA CYS A 197 -0.27 -1.70 -2.13
C CYS A 197 -0.76 -0.51 -1.28
N TYR A 198 -1.71 -0.73 -0.35
CA TYR A 198 -2.27 0.35 0.49
C TYR A 198 -1.31 0.80 1.58
N LEU A 199 -0.33 -0.05 1.97
CA LEU A 199 0.64 0.37 2.96
C LEU A 199 1.65 1.34 2.32
N ARG A 200 2.12 1.01 1.10
CA ARG A 200 3.06 1.83 0.34
C ARG A 200 2.42 3.17 -0.06
N ILE A 201 1.08 3.18 -0.31
CA ILE A 201 0.35 4.41 -0.64
C ILE A 201 0.34 5.30 0.60
N TRP A 202 -0.13 4.77 1.76
CA TRP A 202 -0.21 5.49 3.04
C TRP A 202 1.13 6.15 3.46
N ILE A 203 2.27 5.45 3.29
CA ILE A 203 3.57 6.04 3.63
C ILE A 203 3.89 7.22 2.67
N LEU A 204 3.62 7.07 1.36
CA LEU A 204 3.88 8.16 0.41
C LEU A 204 2.97 9.36 0.66
N VAL A 205 1.75 9.15 1.21
CA VAL A 205 0.88 10.30 1.53
C VAL A 205 1.45 11.03 2.78
N LEU A 206 1.93 10.26 3.77
CA LEU A 206 2.52 10.82 4.99
C LEU A 206 3.80 11.58 4.70
N GLN A 207 4.57 11.17 3.67
CA GLN A 207 5.79 11.85 3.23
C GLN A 207 5.38 13.16 2.53
N VAL A 208 4.33 13.11 1.67
CA VAL A 208 3.82 14.29 0.96
C VAL A 208 3.38 15.32 2.02
N ARG A 209 2.60 14.86 3.01
CA ARG A 209 2.09 15.67 4.10
C ARG A 209 3.25 16.24 4.91
N GLY A 210 4.16 15.35 5.32
CA GLY A 210 5.33 15.60 6.13
C GLY A 210 6.27 16.72 5.73
N ILE A 211 6.66 16.81 4.45
CA ILE A 211 7.62 17.82 3.97
C ILE A 211 7.06 19.25 4.05
N ASP A 212 7.96 20.23 4.23
CA ASP A 212 7.63 21.67 4.27
C ASP A 212 8.66 22.40 3.43
N SER A 214 8.52 25.43 2.37
CA SER A 214 8.69 26.83 2.74
C SER A 214 9.70 26.95 3.90
N PHE A 215 10.04 25.82 4.60
CA PHE A 215 11.09 25.86 5.63
C PHE A 215 12.40 25.35 5.03
N TRP A 216 12.41 24.08 4.59
CA TRP A 216 13.58 23.43 3.99
C TRP A 216 13.65 23.92 2.56
N ASN A 217 14.26 25.12 2.40
CA ASN A 217 14.39 25.88 1.17
C ASN A 217 15.75 26.55 1.10
N GLU A 218 16.44 26.40 -0.05
CA GLU A 218 17.77 26.94 -0.30
C GLU A 218 17.83 28.50 -0.25
N SER A 219 16.68 29.16 -0.50
CA SER A 219 16.51 30.61 -0.46
C SER A 219 17.06 31.23 0.84
N TYR A 220 16.88 30.53 1.98
CA TYR A 220 17.31 30.97 3.33
C TYR A 220 18.83 30.96 3.49
N LEU A 221 19.56 30.19 2.64
CA LEU A 221 21.02 30.11 2.69
C LEU A 221 21.62 31.25 1.86
N THR A 222 22.61 31.96 2.44
CA THR A 222 23.17 33.19 1.90
C THR A 222 24.14 33.04 0.71
N GLY A 223 25.37 32.59 0.96
CA GLY A 223 26.42 32.54 -0.05
C GLY A 223 26.40 31.36 -0.99
N SER A 224 27.61 30.90 -1.36
CA SER A 224 27.90 29.73 -2.20
C SER A 224 28.05 28.51 -1.28
N ARG A 225 27.81 27.30 -1.83
CA ARG A 225 27.91 26.08 -1.06
C ARG A 225 29.35 25.88 -0.53
N ASP A 226 30.35 26.03 -1.41
CA ASP A 226 31.77 25.92 -1.07
C ASP A 226 32.13 26.88 0.08
N GLU A 227 31.58 28.11 0.03
CA GLU A 227 31.78 29.15 1.04
C GLU A 227 31.15 28.72 2.38
N ARG A 228 29.84 28.40 2.38
CA ARG A 228 29.08 27.94 3.55
C ARG A 228 29.78 26.78 4.29
N LYS A 229 30.30 25.81 3.50
CA LYS A 229 31.00 24.62 3.98
C LYS A 229 32.35 25.00 4.62
N LYS A 230 33.13 25.88 3.93
CA LYS A 230 34.42 26.35 4.42
C LYS A 230 34.24 27.02 5.78
N SER A 231 33.17 27.85 5.90
CA SER A 231 32.78 28.54 7.13
C SER A 231 32.38 27.53 8.23
N LEU A 232 31.51 26.53 7.90
CA LEU A 232 31.05 25.52 8.86
C LEU A 232 32.24 24.74 9.45
N LEU A 233 33.11 24.21 8.58
CA LEU A 233 34.31 23.47 8.96
C LEU A 233 35.29 24.30 9.78
N SER A 234 35.38 25.61 9.47
CA SER A 234 36.25 26.56 10.19
C SER A 234 35.80 26.71 11.64
N LYS A 235 34.47 26.75 11.87
CA LYS A 235 33.88 26.86 13.21
C LYS A 235 34.18 25.59 14.02
N PHE A 236 34.26 24.43 13.34
CA PHE A 236 34.54 23.14 13.97
C PHE A 236 36.06 22.88 14.12
N GLY A 237 36.87 23.72 13.49
CA GLY A 237 38.32 23.61 13.58
C GLY A 237 38.96 22.57 12.69
N MET A 238 38.33 22.28 11.55
CA MET A 238 38.87 21.33 10.57
C MET A 238 38.93 22.00 9.19
N ASP A 239 39.88 21.55 8.36
CA ASP A 239 40.15 22.06 7.01
C ASP A 239 39.06 21.62 6.01
N GLU A 240 39.17 22.10 4.75
CA GLU A 240 38.22 21.72 3.71
C GLU A 240 38.48 20.27 3.28
N GLY A 241 37.39 19.52 3.13
CA GLY A 241 37.41 18.13 2.69
C GLY A 241 36.01 17.72 2.29
N VAL A 242 35.81 16.46 1.92
CA VAL A 242 34.45 15.98 1.60
C VAL A 242 33.78 15.73 2.96
N THR A 243 32.76 16.53 3.32
CA THR A 243 32.18 16.40 4.66
C THR A 243 30.88 15.61 4.66
N PHE A 244 30.80 14.70 5.62
CA PHE A 244 29.70 13.78 5.88
C PHE A 244 29.08 14.10 7.21
N MET A 245 27.77 13.98 7.26
CA MET A 245 27.01 14.33 8.45
C MET A 245 25.99 13.24 8.79
N PHE A 246 25.81 13.00 10.10
CA PHE A 246 24.83 12.08 10.67
C PHE A 246 24.00 12.85 11.68
N ILE A 247 22.68 12.66 11.65
CA ILE A 247 21.86 13.32 12.64
C ILE A 247 20.77 12.34 13.12
N GLY A 248 20.95 11.86 14.33
CA GLY A 248 20.02 10.92 14.93
C GLY A 248 20.39 10.45 16.31
N ARG A 249 19.45 9.74 16.96
CA ARG A 249 19.61 9.14 18.28
C ARG A 249 20.75 8.10 18.24
N PHE A 250 21.42 7.87 19.38
CA PHE A 250 22.51 6.91 19.50
C PHE A 250 21.92 5.67 20.12
N ASP A 251 21.74 4.61 19.33
CA ASP A 251 21.11 3.36 19.75
C ASP A 251 21.65 2.14 18.98
N ARG A 252 21.58 0.97 19.65
CA ARG A 252 22.09 -0.32 19.18
C ARG A 252 21.43 -0.81 17.87
N GLY A 253 20.10 -0.97 17.85
CA GLY A 253 19.44 -1.49 16.66
C GLY A 253 18.32 -0.68 16.04
N GLN A 254 18.49 0.66 15.93
CA GLN A 254 17.45 1.50 15.33
C GLN A 254 18.02 2.45 14.25
N LYS A 255 18.73 3.52 14.64
CA LYS A 255 19.28 4.54 13.73
C LYS A 255 20.73 4.21 13.24
N GLY A 256 21.34 3.16 13.81
CA GLY A 256 22.65 2.63 13.42
C GLY A 256 23.89 3.49 13.45
N VAL A 257 24.04 4.36 14.48
CA VAL A 257 25.25 5.19 14.66
C VAL A 257 26.47 4.25 14.89
N ASP A 258 26.21 3.03 15.43
CA ASP A 258 27.18 1.97 15.69
C ASP A 258 27.77 1.42 14.37
N VAL A 259 26.94 1.36 13.29
CA VAL A 259 27.43 0.90 11.98
C VAL A 259 28.34 1.98 11.40
N LEU A 260 27.95 3.26 11.59
CA LEU A 260 28.73 4.41 11.14
C LEU A 260 30.05 4.51 11.92
N LEU A 261 30.02 4.31 13.25
CA LEU A 261 31.21 4.37 14.11
C LEU A 261 32.24 3.30 13.73
N LYS A 262 31.77 2.07 13.42
CA LYS A 262 32.61 0.94 13.02
C LYS A 262 33.20 1.21 11.63
N ALA A 263 32.42 1.89 10.75
CA ALA A 263 32.83 2.24 9.41
C ALA A 263 33.96 3.27 9.44
N ILE A 264 33.89 4.29 10.35
CA ILE A 264 34.91 5.33 10.53
C ILE A 264 36.23 4.66 10.95
N GLU A 265 36.15 3.61 11.78
CA GLU A 265 37.30 2.83 12.22
C GLU A 265 37.96 2.10 11.03
N ILE A 266 37.14 1.48 10.15
CA ILE A 266 37.63 0.76 8.98
C ILE A 266 38.35 1.74 8.01
N LEU A 267 37.79 2.96 7.87
CA LEU A 267 38.32 3.98 6.99
C LEU A 267 39.57 4.71 7.55
N SER A 268 39.78 4.71 8.89
CA SER A 268 40.88 5.44 9.51
C SER A 268 42.26 4.91 9.13
N SER A 269 42.36 3.67 8.67
CA SER A 269 43.65 3.07 8.25
C SER A 269 43.94 3.37 6.76
N LYS A 270 42.88 3.72 5.99
CA LYS A 270 42.93 4.05 4.56
C LYS A 270 43.47 5.47 4.34
N LYS A 271 44.31 5.65 3.31
CA LYS A 271 44.91 6.94 2.92
C LYS A 271 43.82 7.97 2.61
N GLU A 272 42.72 7.52 1.97
CA GLU A 272 41.58 8.32 1.54
C GLU A 272 40.86 9.04 2.70
N PHE A 273 41.09 8.59 3.96
CA PHE A 273 40.51 9.16 5.18
C PHE A 273 40.92 10.63 5.40
N GLN A 274 42.18 10.98 5.02
CA GLN A 274 42.74 12.33 5.16
C GLN A 274 41.89 13.40 4.43
N GLU A 275 41.25 13.01 3.30
CA GLU A 275 40.40 13.85 2.45
C GLU A 275 38.96 13.94 2.99
N MET A 276 38.62 13.15 4.04
CA MET A 276 37.28 13.06 4.64
C MET A 276 37.09 13.89 5.91
N ARG A 277 35.83 14.32 6.15
CA ARG A 277 35.39 15.07 7.33
C ARG A 277 34.03 14.50 7.82
N PHE A 278 33.89 14.25 9.12
CA PHE A 278 32.66 13.69 9.64
C PHE A 278 32.13 14.54 10.79
N ILE A 279 30.84 14.92 10.70
CA ILE A 279 30.09 15.70 11.68
C ILE A 279 28.99 14.78 12.21
N ILE A 280 29.19 14.14 13.39
CA ILE A 280 28.20 13.21 13.97
C ILE A 280 27.38 13.97 14.99
N ILE A 281 26.07 14.13 14.75
CA ILE A 281 25.17 14.85 15.66
C ILE A 281 24.11 13.89 16.24
N GLY A 282 23.95 13.94 17.56
CA GLY A 282 22.97 13.16 18.31
C GLY A 282 23.33 12.86 19.75
N LYS A 283 22.52 12.00 20.41
CA LYS A 283 22.74 11.54 21.80
C LYS A 283 21.96 10.23 22.04
N GLY A 284 22.32 9.51 23.10
CA GLY A 284 21.70 8.24 23.47
C GLY A 284 22.56 7.40 24.38
N ASP A 285 22.88 6.15 23.96
CA ASP A 285 23.69 5.20 24.73
C ASP A 285 25.02 5.88 25.12
N PRO A 286 25.30 6.02 26.45
CA PRO A 286 26.56 6.66 26.86
C PRO A 286 27.82 5.96 26.37
N GLU A 287 27.70 4.66 26.02
CA GLU A 287 28.78 3.81 25.50
C GLU A 287 29.11 4.24 24.06
N LEU A 288 28.07 4.43 23.24
CA LEU A 288 28.16 4.89 21.86
C LEU A 288 28.59 6.36 21.83
N GLU A 289 28.38 7.07 22.96
CA GLU A 289 28.80 8.46 23.16
C GLU A 289 30.31 8.48 23.43
N GLY A 290 30.79 7.48 24.15
CA GLY A 290 32.22 7.34 24.47
C GLY A 290 33.04 6.99 23.24
N TRP A 291 32.58 5.95 22.50
CA TRP A 291 33.18 5.46 21.26
C TRP A 291 33.35 6.63 20.27
N ALA A 292 32.29 7.45 20.10
CA ALA A 292 32.25 8.64 19.25
C ALA A 292 33.23 9.71 19.74
N ARG A 293 33.27 9.99 21.07
CA ARG A 293 34.19 10.98 21.64
C ARG A 293 35.65 10.50 21.51
N SER A 294 35.86 9.17 21.51
CA SER A 294 37.18 8.54 21.35
C SER A 294 37.73 8.78 19.95
N LEU A 295 36.89 8.57 18.93
CA LEU A 295 37.25 8.78 17.53
C LEU A 295 37.49 10.29 17.26
N GLU A 296 36.79 11.18 18.02
CA GLU A 296 36.93 12.64 17.95
C GLU A 296 38.34 13.06 18.43
N GLU A 297 38.81 12.45 19.52
CA GLU A 297 40.13 12.74 20.11
C GLU A 297 41.26 12.18 19.27
N LYS A 298 41.07 10.98 18.71
CA LYS A 298 42.10 10.30 17.92
C LYS A 298 42.26 10.93 16.54
N HIS A 299 41.18 11.50 15.97
CA HIS A 299 41.24 12.05 14.62
C HIS A 299 40.57 13.41 14.54
N GLY A 300 41.34 14.38 14.02
CA GLY A 300 40.90 15.76 13.85
C GLY A 300 39.93 16.00 12.71
N ASN A 301 39.48 14.93 12.04
CA ASN A 301 38.52 15.05 10.95
C ASN A 301 37.15 14.48 11.37
N VAL A 302 37.01 14.17 12.67
CA VAL A 302 35.79 13.64 13.27
C VAL A 302 35.32 14.61 14.36
N LYS A 303 34.07 15.13 14.26
CA LYS A 303 33.49 16.04 15.24
C LYS A 303 32.15 15.49 15.74
N VAL A 304 31.97 15.52 17.05
CA VAL A 304 30.75 15.01 17.69
C VAL A 304 30.01 16.18 18.34
N ILE A 305 28.68 16.25 18.15
CA ILE A 305 27.80 17.27 18.74
C ILE A 305 26.67 16.55 19.47
N THR A 306 26.85 16.40 20.80
CA THR A 306 25.94 15.73 21.72
C THR A 306 24.78 16.65 22.14
N GLU A 307 24.91 17.96 21.86
CA GLU A 307 23.89 18.96 22.17
C GLU A 307 22.74 18.90 21.15
N MET A 308 21.61 19.56 21.49
CA MET A 308 20.40 19.67 20.66
C MET A 308 20.46 20.95 19.82
N LEU A 309 20.41 20.80 18.47
CA LEU A 309 20.48 21.91 17.53
C LEU A 309 19.10 22.26 16.95
N SER A 310 18.86 23.56 16.72
CA SER A 310 17.62 24.11 16.15
C SER A 310 17.45 23.73 14.67
N ARG A 311 16.18 23.66 14.20
CA ARG A 311 15.80 23.39 12.79
C ARG A 311 16.58 24.30 11.84
N GLU A 312 16.74 25.58 12.25
CA GLU A 312 17.44 26.61 11.51
C GLU A 312 18.91 26.21 11.31
N PHE A 313 19.62 25.83 12.40
CA PHE A 313 21.02 25.42 12.27
C PHE A 313 21.17 24.12 11.44
N VAL A 314 20.27 23.14 11.66
CA VAL A 314 20.27 21.88 10.90
C VAL A 314 20.10 22.19 9.40
N ARG A 315 19.16 23.13 9.06
CA ARG A 315 18.90 23.55 7.69
C ARG A 315 20.17 24.15 7.07
N GLU A 316 21.00 24.88 7.88
CA GLU A 316 22.28 25.41 7.37
C GLU A 316 23.27 24.24 7.08
N LEU A 317 23.30 23.20 7.96
CA LEU A 317 24.18 22.05 7.78
C LEU A 317 23.79 21.27 6.52
N TYR A 318 22.47 21.05 6.29
CA TYR A 318 22.02 20.35 5.08
C TYR A 318 22.48 21.09 3.82
N GLY A 319 22.54 22.42 3.88
CA GLY A 319 22.95 23.25 2.77
C GLY A 319 24.44 23.47 2.66
N SER A 320 25.23 22.77 3.49
CA SER A 320 26.70 22.92 3.49
C SER A 320 27.42 21.59 3.28
N VAL A 321 27.08 20.57 4.09
CA VAL A 321 27.71 19.24 4.02
C VAL A 321 27.48 18.60 2.64
N ASP A 322 28.45 17.80 2.17
CA ASP A 322 28.35 17.15 0.87
C ASP A 322 27.37 15.97 0.88
N PHE A 323 27.41 15.12 1.94
CA PHE A 323 26.59 13.93 2.08
C PHE A 323 26.00 13.80 3.47
N VAL A 324 24.81 13.20 3.54
CA VAL A 324 24.10 12.88 4.77
C VAL A 324 24.02 11.36 4.84
N ILE A 325 24.62 10.78 5.87
CA ILE A 325 24.59 9.33 6.04
C ILE A 325 23.35 8.99 6.89
N ILE A 326 22.53 8.05 6.41
CA ILE A 326 21.34 7.56 7.11
C ILE A 326 21.54 6.03 7.27
N PRO A 327 22.33 5.58 8.27
CA PRO A 327 22.62 4.14 8.42
C PRO A 327 21.59 3.37 9.27
N SER A 328 20.30 3.79 9.19
CA SER A 328 19.19 3.22 9.96
C SER A 328 18.91 1.73 9.65
N TYR A 329 18.49 1.00 10.67
CA TYR A 329 18.09 -0.41 10.62
C TYR A 329 16.63 -0.50 10.23
N PHE A 330 15.84 0.44 10.76
CA PHE A 330 14.40 0.57 10.60
C PHE A 330 14.07 2.06 10.47
N GLU A 331 13.49 2.45 9.32
CA GLU A 331 13.15 3.85 9.03
C GLU A 331 11.80 3.91 8.29
N PRO A 332 10.65 3.77 8.99
CA PRO A 332 9.35 3.77 8.28
C PRO A 332 9.09 4.95 7.34
N PHE A 333 9.41 6.19 7.73
CA PHE A 333 9.09 7.32 6.84
C PHE A 333 10.32 7.94 6.16
N GLY A 334 11.34 8.30 6.94
CA GLY A 334 12.58 8.87 6.42
C GLY A 334 12.48 10.27 5.85
N LEU A 335 11.77 11.19 6.59
CA LEU A 335 11.62 12.60 6.20
C LEU A 335 12.96 13.33 6.16
N VAL A 336 13.90 12.90 7.01
CA VAL A 336 15.28 13.37 7.12
C VAL A 336 15.93 13.36 5.74
N ALA A 337 15.89 12.21 5.03
CA ALA A 337 16.42 12.09 3.68
C ALA A 337 15.80 13.16 2.72
N LEU A 338 14.45 13.34 2.75
CA LEU A 338 13.73 14.34 1.95
C LEU A 338 14.17 15.76 2.34
N GLU A 339 14.28 16.02 3.66
CA GLU A 339 14.72 17.31 4.24
C GLU A 339 16.13 17.64 3.78
N ALA A 340 17.04 16.66 3.83
CA ALA A 340 18.39 16.79 3.31
C ALA A 340 18.39 17.02 1.78
N MET A 341 17.53 16.32 1.05
CA MET A 341 17.48 16.46 -0.43
C MET A 341 17.00 17.83 -0.88
N CYS A 342 16.23 18.54 0.00
CA CYS A 342 15.70 19.89 -0.24
C CYS A 342 16.86 20.85 -0.42
N LEU A 343 17.90 20.69 0.39
CA LEU A 343 19.02 21.61 0.42
C LEU A 343 20.25 21.04 -0.29
N GLY A 344 19.99 20.11 -1.21
CA GLY A 344 21.01 19.48 -2.05
C GLY A 344 22.03 18.61 -1.34
N ALA A 345 21.71 18.07 -0.16
CA ALA A 345 22.61 17.13 0.50
C ALA A 345 22.35 15.74 -0.07
N ILE A 346 23.39 15.07 -0.62
CA ILE A 346 23.25 13.73 -1.24
C ILE A 346 23.18 12.67 -0.11
N PRO A 347 22.11 11.87 -0.02
CA PRO A 347 22.06 10.87 1.05
C PRO A 347 22.76 9.56 0.71
N ILE A 348 23.38 8.96 1.70
CA ILE A 348 23.94 7.60 1.67
C ILE A 348 23.11 6.90 2.73
N ALA A 349 22.17 6.04 2.32
CA ALA A 349 21.25 5.48 3.31
C ALA A 349 20.97 4.02 3.11
N SER A 350 20.50 3.39 4.19
CA SER A 350 20.11 2.00 4.20
C SER A 350 18.93 1.79 3.27
N ALA A 351 19.01 0.75 2.43
CA ALA A 351 17.98 0.39 1.49
C ALA A 351 16.79 -0.28 2.19
N VAL A 352 16.44 0.21 3.39
CA VAL A 352 15.29 -0.25 4.18
C VAL A 352 14.01 0.43 3.66
N GLY A 353 12.87 0.03 4.21
CA GLY A 353 11.57 0.61 3.86
C GLY A 353 11.53 2.08 4.19
N GLY A 354 10.75 2.84 3.42
CA GLY A 354 10.60 4.29 3.57
C GLY A 354 11.66 5.08 2.83
N LEU A 355 12.94 4.71 3.00
CA LEU A 355 14.10 5.35 2.37
C LEU A 355 14.27 4.85 0.95
N ARG A 356 13.84 3.62 0.68
CA ARG A 356 13.95 3.04 -0.65
C ARG A 356 12.90 3.68 -1.57
N ASP A 357 11.79 4.16 -0.98
CA ASP A 357 10.71 4.82 -1.70
C ASP A 357 11.10 6.24 -2.09
N ILE A 358 11.94 6.88 -1.28
CA ILE A 358 12.37 8.26 -1.47
C ILE A 358 13.62 8.34 -2.36
N ILE A 359 14.69 7.63 -1.98
CA ILE A 359 15.96 7.64 -2.70
C ILE A 359 15.87 6.78 -3.95
N THR A 360 16.06 7.41 -5.10
CA THR A 360 16.10 6.70 -6.38
C THR A 360 17.60 6.45 -6.65
N ASN A 361 17.94 5.69 -7.72
CA ASN A 361 19.35 5.39 -8.02
C ASN A 361 20.13 6.64 -8.52
N GLU A 362 19.39 7.64 -9.05
CA GLU A 362 19.98 8.88 -9.57
C GLU A 362 20.09 9.99 -8.50
N THR A 363 19.45 9.83 -7.33
CA THR A 363 19.42 10.83 -6.25
C THR A 363 20.16 10.41 -4.96
N GLY A 364 20.99 9.37 -5.02
CA GLY A 364 21.72 8.94 -3.83
C GLY A 364 22.39 7.59 -3.96
N ILE A 365 23.02 7.15 -2.86
CA ILE A 365 23.70 5.85 -2.76
C ILE A 365 22.93 4.98 -1.74
N LEU A 366 22.61 3.73 -2.13
CA LEU A 366 21.88 2.82 -1.24
C LEU A 366 22.80 1.71 -0.77
N VAL A 367 22.70 1.35 0.52
CA VAL A 367 23.53 0.35 1.18
C VAL A 367 22.66 -0.63 2.00
N LYS A 368 23.09 -1.90 2.11
CA LYS A 368 22.42 -2.90 2.93
C LYS A 368 22.64 -2.55 4.41
N ALA A 369 21.54 -2.43 5.18
CA ALA A 369 21.57 -2.08 6.60
C ALA A 369 22.33 -3.12 7.45
N GLY A 370 23.11 -2.61 8.42
CA GLY A 370 23.90 -3.41 9.34
C GLY A 370 25.13 -4.02 8.71
N ASP A 371 25.91 -3.22 7.95
CA ASP A 371 27.16 -3.70 7.34
C ASP A 371 28.20 -2.55 7.28
N PRO A 372 29.12 -2.48 8.28
CA PRO A 372 30.11 -1.37 8.31
C PRO A 372 31.08 -1.35 7.12
N GLY A 373 31.30 -2.53 6.52
CA GLY A 373 32.17 -2.69 5.37
C GLY A 373 31.58 -2.08 4.11
N GLU A 374 30.29 -2.38 3.85
CA GLU A 374 29.58 -1.89 2.67
C GLU A 374 29.36 -0.37 2.78
N LEU A 375 29.25 0.14 4.02
CA LEU A 375 29.12 1.58 4.28
C LEU A 375 30.47 2.28 4.02
N ALA A 376 31.58 1.63 4.44
CA ALA A 376 32.93 2.16 4.24
C ALA A 376 33.22 2.31 2.75
N ASN A 377 32.83 1.31 1.94
CA ASN A 377 33.03 1.33 0.48
C ASN A 377 32.16 2.38 -0.19
N ALA A 378 30.94 2.58 0.34
CA ALA A 378 30.00 3.57 -0.16
C ALA A 378 30.59 4.97 0.05
N ILE A 379 31.13 5.23 1.27
CA ILE A 379 31.79 6.49 1.64
C ILE A 379 33.00 6.71 0.70
N LEU A 380 33.74 5.63 0.38
CA LEU A 380 34.87 5.68 -0.56
C LEU A 380 34.38 6.03 -1.97
N LYS A 381 33.25 5.43 -2.40
CA LYS A 381 32.63 5.69 -3.70
C LYS A 381 32.16 7.15 -3.78
N ALA A 382 31.58 7.66 -2.66
CA ALA A 382 31.11 9.03 -2.51
C ALA A 382 32.26 10.02 -2.64
N LEU A 383 33.45 9.65 -2.15
CA LEU A 383 34.65 10.47 -2.18
C LEU A 383 35.16 10.64 -3.62
N GLU A 384 35.12 9.57 -4.42
CA GLU A 384 35.61 9.56 -5.80
C GLU A 384 34.77 10.42 -6.78
N LEU A 385 33.57 10.86 -6.37
CA LEU A 385 32.72 11.67 -7.24
C LEU A 385 33.25 13.12 -7.37
N SER A 386 33.43 13.56 -8.65
CA SER A 386 33.95 14.89 -9.07
C SER A 386 32.84 15.95 -9.11
N ARG A 387 33.20 17.22 -8.81
CA ARG A 387 32.34 18.41 -8.72
C ARG A 387 31.14 18.42 -9.71
N SER A 388 31.42 18.08 -11.00
CA SER A 388 30.45 18.02 -12.09
C SER A 388 29.35 16.98 -11.83
N ASP A 389 29.74 15.74 -11.43
CA ASP A 389 28.82 14.64 -11.10
C ASP A 389 27.95 15.04 -9.90
N LEU A 390 28.58 15.70 -8.90
CA LEU A 390 27.97 16.18 -7.66
C LEU A 390 26.90 17.23 -7.92
N SER A 391 27.11 18.15 -8.88
CA SER A 391 26.12 19.18 -9.21
C SER A 391 24.83 18.57 -9.79
N LYS A 392 24.95 17.56 -10.67
CA LYS A 392 23.77 16.89 -11.24
C LYS A 392 23.05 16.12 -10.13
N PHE A 393 23.80 15.40 -9.29
CA PHE A 393 23.27 14.66 -8.14
C PHE A 393 22.41 15.57 -7.25
N ARG A 394 22.94 16.77 -6.93
CA ARG A 394 22.28 17.75 -6.10
C ARG A 394 21.01 18.25 -6.75
N GLU A 395 21.07 18.55 -8.07
CA GLU A 395 19.96 19.02 -8.90
C GLU A 395 18.83 17.97 -8.90
N ASN A 396 19.20 16.69 -9.13
CA ASN A 396 18.30 15.54 -9.07
C ASN A 396 17.62 15.43 -7.71
N CYS A 397 18.42 15.51 -6.61
CA CYS A 397 17.92 15.47 -5.23
C CYS A 397 16.82 16.48 -5.00
N LYS A 398 17.03 17.73 -5.49
CA LYS A 398 16.07 18.82 -5.38
C LYS A 398 14.80 18.55 -6.20
N LYS A 399 14.95 18.08 -7.48
CA LYS A 399 13.80 17.77 -8.32
C LYS A 399 12.95 16.66 -7.70
N ARG A 400 13.59 15.77 -6.89
CA ARG A 400 12.94 14.65 -6.21
C ARG A 400 12.14 15.16 -4.99
N ALA A 401 12.71 16.08 -4.21
CA ALA A 401 12.03 16.62 -3.05
C ALA A 401 10.83 17.43 -3.51
N MET A 402 11.02 18.21 -4.57
CA MET A 402 10.05 19.08 -5.20
C MET A 402 8.81 18.30 -5.73
N SER A 403 9.03 17.07 -6.23
CA SER A 403 7.95 16.25 -6.76
C SER A 403 7.05 15.71 -5.63
N PHE A 404 7.57 15.65 -4.40
CA PHE A 404 6.79 15.19 -3.26
C PHE A 404 5.78 16.26 -2.85
N SER A 405 6.26 17.50 -2.63
CA SER A 405 5.43 18.64 -2.23
C SER A 405 4.38 19.08 -3.29
N LYS A 406 4.57 18.74 -4.60
CA LYS A 406 3.59 19.13 -5.62
C LYS A 406 2.23 18.42 -5.40
N LEU A 407 2.26 17.19 -4.84
CA LEU A 407 1.08 16.36 -4.58
C LEU A 407 0.28 16.82 -3.33
N LYS A 408 0.71 17.91 -2.65
CA LYS A 408 0.09 18.43 -1.43
C LYS A 408 -1.39 18.89 -1.61
N PRO A 409 -1.77 19.74 -2.61
CA PRO A 409 -3.18 20.17 -2.66
C PRO A 409 -4.15 19.11 -3.18
N GLN A 410 -3.66 17.95 -3.69
CA GLN A 410 -4.52 16.88 -4.22
C GLN A 410 -5.51 16.32 -3.17
N ASP A 411 -6.60 15.77 -3.67
CA ASP A 411 -7.67 15.13 -2.92
C ASP A 411 -7.37 13.65 -2.81
N PHE A 412 -7.10 13.14 -1.60
CA PHE A 412 -6.74 11.74 -1.42
C PHE A 412 -7.93 10.91 -0.91
N ARG A 413 -9.18 11.41 -1.09
CA ARG A 413 -10.43 10.78 -0.62
C ARG A 413 -10.73 9.45 -1.32
N ASN A 414 -10.59 9.38 -2.67
CA ASN A 414 -10.84 8.14 -3.44
C ASN A 414 -10.01 6.94 -2.92
N PHE A 415 -8.73 7.16 -2.53
CA PHE A 415 -7.87 6.14 -1.96
C PHE A 415 -8.52 5.50 -0.72
N VAL A 416 -9.17 6.34 0.12
CA VAL A 416 -9.89 5.92 1.33
C VAL A 416 -11.12 5.10 0.94
N THR A 417 -11.91 5.56 -0.05
CA THR A 417 -13.14 4.86 -0.47
C THR A 417 -12.75 3.43 -0.93
N MET A 418 -11.80 3.31 -1.88
CA MET A 418 -11.30 2.02 -2.39
C MET A 418 -10.77 1.11 -1.26
N PHE A 419 -10.03 1.71 -0.28
CA PHE A 419 -9.50 1.01 0.87
C PHE A 419 -10.63 0.47 1.75
N VAL A 420 -11.72 1.24 1.91
CA VAL A 420 -12.89 0.85 2.71
C VAL A 420 -13.62 -0.33 1.98
N VAL A 421 -13.76 -0.25 0.62
CA VAL A 421 -14.36 -1.29 -0.21
C VAL A 421 -13.59 -2.62 0.04
N PHE A 422 -12.24 -2.55 0.09
CA PHE A 422 -11.40 -3.73 0.35
C PHE A 422 -11.56 -4.22 1.77
N VAL A 423 -11.33 -3.34 2.79
CA VAL A 423 -11.42 -3.71 4.21
C VAL A 423 -12.73 -4.46 4.49
N LEU A 424 -13.86 -3.93 4.01
CA LEU A 424 -15.17 -4.56 4.19
C LEU A 424 -15.28 -5.92 3.49
N PHE A 425 -14.62 -6.09 2.31
CA PHE A 425 -14.59 -7.39 1.63
C PHE A 425 -13.90 -8.43 2.54
N ALA A 426 -12.71 -8.06 3.07
CA ALA A 426 -11.89 -8.88 3.97
C ALA A 426 -12.67 -9.28 5.21
N ILE A 427 -13.47 -8.36 5.83
CA ILE A 427 -14.28 -8.66 7.04
C ILE A 427 -15.36 -9.72 6.69
N CYS A 428 -16.07 -9.53 5.56
CA CYS A 428 -17.14 -10.41 5.08
C CYS A 428 -16.65 -11.82 4.78
N PHE A 429 -15.43 -11.98 4.24
CA PHE A 429 -14.93 -13.27 3.82
C PHE A 429 -13.87 -13.92 4.73
N ALA A 430 -13.30 -13.18 5.71
CA ALA A 430 -12.31 -13.77 6.63
C ALA A 430 -12.88 -14.98 7.41
N PRO A 431 -14.14 -14.99 7.93
CA PRO A 431 -14.61 -16.19 8.66
C PRO A 431 -14.70 -17.43 7.78
N LEU A 432 -15.30 -17.32 6.57
CA LEU A 432 -15.47 -18.40 5.59
C LEU A 432 -14.16 -19.10 5.29
N ASN A 433 -13.10 -18.34 5.00
CA ASN A 433 -11.77 -18.85 4.68
C ASN A 433 -11.10 -19.48 5.92
N PHE A 434 -11.34 -18.92 7.14
CA PHE A 434 -10.81 -19.46 8.39
C PHE A 434 -11.43 -20.81 8.69
N ILE A 435 -12.75 -20.92 8.48
CA ILE A 435 -13.53 -22.17 8.64
C ILE A 435 -13.02 -23.17 7.58
N GLY A 436 -12.80 -22.68 6.36
CA GLY A 436 -12.28 -23.46 5.24
C GLY A 436 -11.02 -24.22 5.61
N LEU A 437 -10.07 -23.52 6.27
CA LEU A 437 -8.80 -24.06 6.77
C LEU A 437 -9.04 -25.11 7.86
N ALA A 438 -9.95 -24.79 8.81
CA ALA A 438 -10.31 -25.64 9.95
C ALA A 438 -10.92 -26.96 9.48
N VAL A 439 -11.80 -26.91 8.44
CA VAL A 439 -12.45 -28.07 7.84
C VAL A 439 -11.40 -28.87 7.04
N ALA A 440 -10.51 -28.16 6.30
CA ALA A 440 -9.47 -28.80 5.50
C ALA A 440 -8.55 -29.73 6.32
N SER A 441 -8.27 -29.38 7.59
CA SER A 441 -7.40 -30.17 8.49
C SER A 441 -7.94 -31.61 8.71
N ASP A 442 -9.27 -31.75 8.90
CA ASP A 442 -9.94 -33.04 9.07
C ASP A 442 -11.41 -32.87 8.68
N PRO A 443 -11.79 -33.07 7.40
CA PRO A 443 -13.18 -32.85 6.98
C PRO A 443 -14.21 -33.73 7.70
N ALA A 444 -13.84 -34.98 8.01
CA ALA A 444 -14.72 -35.91 8.70
C ALA A 444 -14.96 -35.48 10.15
N SER A 445 -13.88 -35.10 10.87
CA SER A 445 -13.88 -34.71 12.28
C SER A 445 -14.41 -33.29 12.54
N MET A 446 -13.99 -32.31 11.72
CA MET A 446 -14.31 -30.91 11.96
C MET A 446 -15.69 -30.44 11.46
N VAL A 447 -16.37 -31.17 10.56
CA VAL A 447 -17.71 -30.75 10.10
C VAL A 447 -18.68 -30.63 11.33
N PRO A 448 -18.77 -31.62 12.28
CA PRO A 448 -19.65 -31.42 13.45
C PRO A 448 -19.06 -30.51 14.54
N ARG A 449 -17.73 -30.55 14.75
CA ARG A 449 -16.97 -29.80 15.75
C ARG A 449 -17.08 -28.26 15.62
N ILE A 450 -17.43 -27.75 14.41
CA ILE A 450 -17.58 -26.32 14.14
C ILE A 450 -19.05 -25.89 14.42
N PRO A 451 -19.28 -24.79 15.18
CA PRO A 451 -20.67 -24.37 15.50
C PRO A 451 -21.52 -24.04 14.27
N GLU A 452 -22.83 -24.32 14.37
CA GLU A 452 -23.79 -24.10 13.29
C GLU A 452 -24.09 -22.61 13.09
N TRP A 453 -24.24 -21.84 14.19
CA TRP A 453 -24.50 -20.41 14.11
C TRP A 453 -23.34 -19.69 13.40
N LEU A 454 -22.10 -20.10 13.71
CA LEU A 454 -20.87 -19.55 13.15
C LEU A 454 -20.81 -19.79 11.65
N PHE A 455 -21.21 -20.98 11.23
CA PHE A 455 -21.22 -21.42 9.84
C PHE A 455 -22.25 -20.61 9.01
N VAL A 456 -23.53 -20.55 9.48
CA VAL A 456 -24.62 -19.85 8.81
C VAL A 456 -24.29 -18.35 8.69
N ALA A 457 -23.71 -17.76 9.77
CA ALA A 457 -23.32 -16.35 9.79
C ALA A 457 -22.23 -16.07 8.76
N SER A 458 -21.15 -16.89 8.74
CA SER A 458 -20.04 -16.70 7.81
C SER A 458 -20.47 -16.74 6.32
N TYR A 459 -21.52 -17.52 5.99
CA TYR A 459 -22.00 -17.60 4.63
C TYR A 459 -22.85 -16.40 4.25
N TYR A 460 -23.79 -15.98 5.13
CA TYR A 460 -24.70 -14.87 4.82
C TYR A 460 -23.99 -13.51 4.91
N MET A 461 -22.90 -13.41 5.70
CA MET A 461 -22.03 -12.24 5.81
C MET A 461 -21.39 -11.98 4.45
N ALA A 462 -20.89 -13.07 3.83
CA ALA A 462 -20.26 -13.14 2.51
C ALA A 462 -21.27 -12.77 1.42
N TYR A 463 -22.54 -13.23 1.58
CA TYR A 463 -23.61 -12.92 0.64
C TYR A 463 -23.95 -11.44 0.69
N PHE A 464 -24.01 -10.87 1.90
CA PHE A 464 -24.34 -9.48 2.17
C PHE A 464 -23.37 -8.50 1.48
N ASN A 465 -22.09 -8.92 1.29
CA ASN A 465 -21.05 -8.12 0.65
C ASN A 465 -21.43 -7.71 -0.80
N SER A 466 -22.26 -8.53 -1.48
CA SER A 466 -22.70 -8.30 -2.85
C SER A 466 -23.59 -7.05 -3.00
N CYS A 467 -23.93 -6.35 -1.88
CA CYS A 467 -24.76 -5.13 -1.95
C CYS A 467 -24.06 -3.92 -1.25
N LEU A 468 -22.87 -4.13 -0.65
CA LEU A 468 -22.17 -3.11 0.15
C LEU A 468 -21.49 -1.98 -0.65
N ASN A 469 -20.79 -2.31 -1.75
CA ASN A 469 -20.05 -1.35 -2.57
C ASN A 469 -20.91 -0.14 -3.02
N PRO A 470 -22.16 -0.27 -3.54
CA PRO A 470 -22.93 0.95 -3.90
C PRO A 470 -23.16 1.88 -2.70
N ILE A 471 -23.46 1.31 -1.50
CA ILE A 471 -23.68 2.07 -0.26
C ILE A 471 -22.40 2.83 0.11
N ILE A 472 -21.22 2.17 0.03
CA ILE A 472 -19.92 2.77 0.35
C ILE A 472 -19.65 3.97 -0.58
N TYR A 473 -19.75 3.77 -1.92
CA TYR A 473 -19.52 4.82 -2.94
C TYR A 473 -20.38 6.07 -2.69
N GLY A 474 -21.63 5.85 -2.29
CA GLY A 474 -22.54 6.95 -1.97
C GLY A 474 -22.25 7.62 -0.64
N LEU A 475 -21.55 6.93 0.26
CA LEU A 475 -21.25 7.48 1.57
C LEU A 475 -19.88 8.15 1.65
N LEU A 476 -18.89 7.70 0.85
CA LEU A 476 -17.56 8.29 0.93
C LEU A 476 -17.15 9.06 -0.30
N ASP A 477 -17.66 8.71 -1.49
CA ASP A 477 -17.25 9.44 -2.70
C ASP A 477 -18.27 10.52 -3.03
N GLN A 478 -17.80 11.76 -3.06
CA GLN A 478 -18.61 12.95 -3.34
C GLN A 478 -19.25 12.88 -4.73
N ASN A 479 -18.47 12.44 -5.75
CA ASN A 479 -18.90 12.31 -7.15
C ASN A 479 -20.03 11.30 -7.28
N PHE A 480 -19.86 10.08 -6.71
CA PHE A 480 -20.91 9.05 -6.76
C PHE A 480 -22.18 9.56 -6.05
N ARG A 481 -22.02 10.23 -4.86
CA ARG A 481 -23.13 10.79 -4.08
C ARG A 481 -23.97 11.75 -4.91
N LYS A 482 -23.30 12.72 -5.59
CA LYS A 482 -23.96 13.75 -6.42
C LYS A 482 -24.66 13.10 -7.63
N GLU A 483 -23.96 12.20 -8.34
CA GLU A 483 -24.49 11.51 -9.53
C GLU A 483 -25.67 10.60 -9.22
N TYR A 484 -25.68 9.94 -8.03
CA TYR A 484 -26.80 9.08 -7.61
C TYR A 484 -28.09 9.91 -7.62
N ARG A 485 -28.03 11.13 -7.03
CA ARG A 485 -29.12 12.11 -6.94
C ARG A 485 -29.53 12.61 -8.32
N ARG A 486 -28.52 12.92 -9.18
CA ARG A 486 -28.67 13.41 -10.56
C ARG A 486 -29.50 12.44 -11.42
N ILE A 487 -29.23 11.12 -11.32
CA ILE A 487 -29.93 10.06 -12.06
C ILE A 487 -31.37 9.92 -11.54
N ILE A 488 -31.53 9.76 -10.20
CA ILE A 488 -32.79 9.57 -9.47
C ILE A 488 -33.83 10.66 -9.87
N VAL A 489 -33.41 11.95 -9.90
CA VAL A 489 -34.24 13.09 -10.26
C VAL A 489 -34.57 13.05 -11.77
N SER A 490 -33.55 12.83 -12.63
CA SER A 490 -33.66 12.77 -14.09
C SER A 490 -34.61 11.67 -14.61
N LEU A 491 -34.97 10.71 -13.73
CA LEU A 491 -35.91 9.63 -14.07
C LEU A 491 -37.26 9.86 -13.40
N CYS A 492 -37.31 10.66 -12.31
CA CYS A 492 -38.54 10.86 -11.54
C CYS A 492 -39.06 12.34 -11.56
N THR A 493 -38.53 13.21 -12.43
CA THR A 493 -39.06 14.56 -12.57
C THR A 493 -39.44 14.76 -14.04
N ALA A 494 -40.76 14.68 -14.32
CA ALA A 494 -41.37 14.79 -15.65
C ALA A 494 -41.06 16.13 -16.35
N ARG A 495 -41.00 16.10 -17.69
CA ARG A 495 -40.74 17.27 -18.53
C ARG A 495 -42.07 17.79 -19.08
N VAL A 496 -42.31 19.11 -18.96
CA VAL A 496 -43.55 19.73 -19.39
C VAL A 496 -43.29 21.04 -20.11
#